data_1DDN
#
_entry.id   1DDN
#
_cell.length_a   117.050
_cell.length_b   117.050
_cell.length_c   145.340
_cell.angle_alpha   90.00
_cell.angle_beta   90.00
_cell.angle_gamma   90.00
#
_symmetry.space_group_name_H-M   'P 41'
#
loop_
_entity.id
_entity.type
_entity.pdbx_description
1 polymer '33 BASE DNA CONTAINING TOXIN OPERATOR'
2 polymer '33 BASE DNA CONTAINING TOXIN OPERATOR'
3 polymer 'DIPHTHERIA TOX REPRESSOR'
4 non-polymer 'NICKEL (II) ION'
5 water water
#
loop_
_entity_poly.entity_id
_entity_poly.type
_entity_poly.pdbx_seq_one_letter_code
_entity_poly.pdbx_strand_id
1 'polydeoxyribonucleotide'
;(DA)(DT)(DA)(DT)(DA)(DA)(DT)(DT)(DA)(DG)(DG)(DA)(DT)(DA)(DG)(DC)(DT)(DT)(DT)(DA)
(DC)(DC)(DT)(DA)(DA)(DT)(DT)(DA)(DT)(DT)(DT)(DT)(DA)
;
E
2 'polydeoxyribonucleotide'
;(DT)(DT)(DA)(DA)(DA)(DA)(DT)(DA)(DA)(DT)(DT)(DA)(DG)(DG)(DT)(DA)(DA)(DA)(DG)(DC)
(DT)(DA)(DT)(DC)(DC)(DT)(DA)(DA)(DT)(DT)(DA)(DT)(DA)
;
F
3 'polypeptide(L)'
;MKDLVDTTEMYLRTIYELEEEGVTPLRARIAERLEQSGPTVSQTVARMERDGLVVVASDRSLQMTPTGRTLATAVMRKHR
LAERLLTDIIGLDINKVHDEADRWEHVMSDEVERRLVKVLKDVSRSPFGNPIPGLDELGVGNSDAAAPGTRVIDAATSMP
RKVRIVQINEIFQVETDQFTQLLDADIRVGSEVEIVDRDGHITLSHNGKDVELLDDLAHTIRIEEL
;
A,B,C,D
#
loop_
_chem_comp.id
_chem_comp.type
_chem_comp.name
_chem_comp.formula
DA DNA linking 2'-DEOXYADENOSINE-5'-MONOPHOSPHATE 'C10 H14 N5 O6 P'
DC DNA linking 2'-DEOXYCYTIDINE-5'-MONOPHOSPHATE 'C9 H14 N3 O7 P'
DG DNA linking 2'-DEOXYGUANOSINE-5'-MONOPHOSPHATE 'C10 H14 N5 O7 P'
DT DNA linking THYMIDINE-5'-MONOPHOSPHATE 'C10 H15 N2 O8 P'
NI non-polymer 'NICKEL (II) ION' 'Ni 2'
#
# COMPACT_ATOMS: atom_id res chain seq x y z
N ASP C 3 13.58 -1.23 10.07
CA ASP C 3 12.98 0.15 10.20
C ASP C 3 14.02 1.25 10.01
N LEU C 4 13.62 2.29 9.31
CA LEU C 4 14.55 3.37 9.07
C LEU C 4 14.51 4.40 10.18
N VAL C 5 13.71 4.17 11.21
CA VAL C 5 13.56 5.10 12.32
C VAL C 5 13.06 6.43 11.79
N ASP C 6 13.62 6.87 10.67
CA ASP C 6 13.23 8.08 9.96
C ASP C 6 13.65 7.90 8.51
N THR C 7 12.66 7.90 7.63
CA THR C 7 12.91 7.71 6.22
C THR C 7 13.67 8.88 5.64
N THR C 8 13.00 10.03 5.57
CA THR C 8 13.59 11.24 5.04
C THR C 8 15.10 11.33 5.34
N GLU C 9 15.47 11.16 6.59
CA GLU C 9 16.88 11.28 6.92
C GLU C 9 17.73 10.21 6.26
N MET C 10 17.22 8.98 6.18
CA MET C 10 17.95 7.91 5.54
C MET C 10 18.01 8.09 4.00
N TYR C 11 17.13 8.93 3.45
CA TYR C 11 17.18 9.17 2.03
C TYR C 11 18.25 10.22 1.84
N LEU C 12 18.20 11.25 2.68
CA LEU C 12 19.17 12.32 2.60
C LEU C 12 20.57 11.75 2.87
N ARG C 13 20.75 11.02 3.96
CA ARG C 13 22.06 10.46 4.23
C ARG C 13 22.54 9.63 3.06
N THR C 14 21.70 8.73 2.56
CA THR C 14 22.05 7.87 1.44
C THR C 14 22.50 8.68 0.24
N ILE C 15 21.69 9.66 -0.15
CA ILE C 15 22.04 10.49 -1.32
C ILE C 15 23.43 11.06 -1.10
N TYR C 16 23.72 11.48 0.12
CA TYR C 16 25.02 12.05 0.48
C TYR C 16 26.14 11.03 0.25
N GLU C 17 25.97 9.84 0.78
CA GLU C 17 26.97 8.80 0.62
C GLU C 17 27.15 8.53 -0.86
N LEU C 18 26.06 8.29 -1.56
CA LEU C 18 26.11 8.02 -2.98
C LEU C 18 27.04 9.02 -3.66
N GLU C 19 26.95 10.28 -3.24
CA GLU C 19 27.77 11.35 -3.79
C GLU C 19 29.23 11.13 -3.43
N GLU C 20 29.47 10.87 -2.15
CA GLU C 20 30.83 10.63 -1.67
C GLU C 20 31.49 9.55 -2.50
N GLU C 21 30.69 8.59 -2.97
CA GLU C 21 31.20 7.49 -3.77
C GLU C 21 31.37 7.81 -5.24
N GLY C 22 31.00 9.03 -5.64
CA GLY C 22 31.14 9.40 -7.02
C GLY C 22 30.08 8.73 -7.88
N VAL C 23 29.11 8.11 -7.23
CA VAL C 23 28.00 7.46 -7.92
C VAL C 23 26.95 8.53 -8.14
N THR C 24 26.13 8.38 -9.17
CA THR C 24 25.08 9.38 -9.41
C THR C 24 23.86 9.01 -8.59
N PRO C 25 23.37 9.94 -7.76
CA PRO C 25 22.20 9.65 -6.94
C PRO C 25 20.95 9.51 -7.79
N LEU C 26 20.49 8.27 -7.93
CA LEU C 26 19.31 7.95 -8.70
C LEU C 26 18.40 7.14 -7.77
N ARG C 27 17.11 7.44 -7.77
CA ARG C 27 16.19 6.69 -6.93
C ARG C 27 16.52 5.20 -6.98
N ALA C 28 16.96 4.73 -8.14
CA ALA C 28 17.31 3.33 -8.33
C ALA C 28 18.30 2.87 -7.28
N ARG C 29 19.18 3.77 -6.86
CA ARG C 29 20.18 3.44 -5.85
C ARG C 29 19.54 3.48 -4.48
N ILE C 30 18.86 4.56 -4.15
CA ILE C 30 18.22 4.66 -2.85
C ILE C 30 17.42 3.38 -2.62
N ALA C 31 16.68 2.93 -3.63
CA ALA C 31 15.90 1.70 -3.50
C ALA C 31 16.85 0.55 -3.18
N GLU C 32 17.82 0.34 -4.06
CA GLU C 32 18.82 -0.72 -3.91
C GLU C 32 19.38 -0.75 -2.50
N ARG C 33 19.95 0.39 -2.12
CA ARG C 33 20.59 0.58 -0.83
C ARG C 33 19.70 0.39 0.39
N LEU C 34 18.46 0.86 0.30
CA LEU C 34 17.55 0.74 1.42
C LEU C 34 16.65 -0.48 1.36
N GLU C 35 16.79 -1.28 0.31
CA GLU C 35 15.97 -2.49 0.17
C GLU C 35 14.50 -2.13 0.20
N GLN C 36 14.11 -1.24 -0.71
CA GLN C 36 12.74 -0.77 -0.81
C GLN C 36 12.25 -0.87 -2.26
N SER C 37 10.94 -0.81 -2.44
CA SER C 37 10.35 -0.93 -3.77
C SER C 37 10.55 0.35 -4.57
N GLY C 38 10.65 0.20 -5.87
CA GLY C 38 10.84 1.37 -6.69
C GLY C 38 9.80 2.45 -6.48
N PRO C 39 8.50 2.10 -6.49
CA PRO C 39 7.52 3.16 -6.32
C PRO C 39 7.49 3.76 -4.93
N THR C 40 7.96 3.02 -3.94
CA THR C 40 7.98 3.57 -2.59
C THR C 40 8.97 4.73 -2.68
N VAL C 41 10.16 4.41 -3.18
CA VAL C 41 11.19 5.42 -3.32
C VAL C 41 10.66 6.62 -4.06
N SER C 42 10.06 6.39 -5.23
CA SER C 42 9.52 7.49 -6.03
C SER C 42 8.52 8.32 -5.23
N GLN C 43 7.65 7.64 -4.49
CA GLN C 43 6.63 8.27 -3.67
C GLN C 43 7.25 9.22 -2.65
N THR C 44 8.21 8.71 -1.88
CA THR C 44 8.87 9.49 -0.85
C THR C 44 9.73 10.64 -1.39
N VAL C 45 10.55 10.35 -2.40
CA VAL C 45 11.37 11.40 -2.96
C VAL C 45 10.42 12.49 -3.40
N ALA C 46 9.19 12.10 -3.77
CA ALA C 46 8.19 13.09 -4.19
C ALA C 46 7.82 13.98 -3.01
N ARG C 47 7.61 13.35 -1.86
CA ARG C 47 7.27 14.09 -0.65
C ARG C 47 8.43 15.02 -0.30
N MET C 48 9.63 14.48 -0.33
CA MET C 48 10.83 15.26 -0.02
C MET C 48 10.99 16.43 -0.97
N GLU C 49 10.64 16.22 -2.23
CA GLU C 49 10.77 17.28 -3.22
C GLU C 49 9.78 18.40 -2.87
N ARG C 50 8.62 17.99 -2.38
CA ARG C 50 7.55 18.90 -2.00
C ARG C 50 7.94 19.76 -0.79
N ASP C 51 8.66 19.17 0.15
CA ASP C 51 9.09 19.90 1.34
C ASP C 51 10.42 20.57 1.09
N GLY C 52 10.74 20.71 -0.20
CA GLY C 52 11.98 21.36 -0.60
C GLY C 52 13.25 20.82 0.01
N LEU C 53 13.38 19.52 0.07
CA LEU C 53 14.56 18.90 0.62
C LEU C 53 15.46 18.42 -0.52
N VAL C 54 14.84 18.10 -1.65
CA VAL C 54 15.55 17.62 -2.82
C VAL C 54 14.84 18.06 -4.10
N VAL C 55 15.54 17.95 -5.23
CA VAL C 55 14.96 18.32 -6.49
C VAL C 55 15.32 17.25 -7.48
N VAL C 56 14.35 16.75 -8.22
CA VAL C 56 14.66 15.73 -9.18
C VAL C 56 15.05 16.36 -10.52
N ALA C 57 16.34 16.28 -10.82
CA ALA C 57 16.90 16.85 -12.04
C ALA C 57 16.22 16.32 -13.30
N SER C 58 16.63 16.83 -14.45
CA SER C 58 16.06 16.41 -15.72
C SER C 58 16.66 15.10 -16.20
N ASP C 59 17.70 14.64 -15.50
CA ASP C 59 18.35 13.37 -15.81
C ASP C 59 18.03 12.39 -14.70
N ARG C 60 16.96 12.70 -13.96
CA ARG C 60 16.48 11.87 -12.85
C ARG C 60 17.38 11.90 -11.65
N SER C 61 18.59 12.39 -11.84
CA SER C 61 19.54 12.50 -10.74
C SER C 61 18.82 13.32 -9.68
N LEU C 62 19.21 13.14 -8.42
CA LEU C 62 18.58 13.86 -7.32
C LEU C 62 19.46 14.99 -6.80
N GLN C 63 18.95 16.21 -6.91
CA GLN C 63 19.69 17.37 -6.46
C GLN C 63 19.21 17.83 -5.10
N MET C 64 20.06 17.68 -4.10
CA MET C 64 19.71 18.11 -2.76
C MET C 64 19.67 19.64 -2.69
N THR C 65 18.65 20.17 -2.02
CA THR C 65 18.52 21.60 -1.88
C THR C 65 19.48 21.95 -0.75
N PRO C 66 19.83 23.24 -0.61
CA PRO C 66 20.76 23.61 0.48
C PRO C 66 20.21 23.18 1.84
N THR C 67 18.89 23.20 1.98
CA THR C 67 18.25 22.80 3.23
C THR C 67 18.44 21.30 3.43
N GLY C 68 18.14 20.55 2.37
CA GLY C 68 18.27 19.11 2.42
C GLY C 68 19.72 18.73 2.67
N ARG C 69 20.63 19.45 2.05
CA ARG C 69 22.03 19.14 2.20
C ARG C 69 22.50 19.31 3.64
N THR C 70 21.88 20.25 4.35
CA THR C 70 22.29 20.48 5.73
C THR C 70 22.00 19.32 6.68
N LEU C 71 20.76 18.86 6.78
CA LEU C 71 20.51 17.74 7.68
C LEU C 71 21.14 16.50 7.09
N ALA C 72 21.31 16.51 5.78
CA ALA C 72 21.95 15.39 5.12
C ALA C 72 23.27 15.24 5.87
N THR C 73 23.96 16.37 6.04
CA THR C 73 25.24 16.36 6.73
C THR C 73 25.11 16.02 8.20
N ALA C 74 24.17 16.68 8.89
CA ALA C 74 23.96 16.45 10.30
C ALA C 74 23.77 14.96 10.61
N VAL C 75 22.97 14.26 9.82
CA VAL C 75 22.79 12.85 10.10
C VAL C 75 24.14 12.17 9.97
N MET C 76 24.83 12.48 8.89
CA MET C 76 26.14 11.91 8.62
C MET C 76 27.04 12.17 9.83
N ARG C 77 26.97 13.40 10.34
CA ARG C 77 27.76 13.84 11.49
C ARG C 77 27.48 13.04 12.76
N LYS C 78 26.21 12.97 13.14
CA LYS C 78 25.80 12.25 14.33
C LYS C 78 26.02 10.77 14.13
N HIS C 79 25.79 10.29 12.92
CA HIS C 79 26.00 8.87 12.66
C HIS C 79 27.43 8.50 13.03
N ARG C 80 28.39 9.29 12.56
CA ARG C 80 29.80 9.04 12.84
C ARG C 80 30.07 9.13 14.33
N LEU C 81 29.53 10.16 14.96
CA LEU C 81 29.70 10.33 16.39
C LEU C 81 29.17 9.09 17.13
N ALA C 82 27.98 8.63 16.77
CA ALA C 82 27.38 7.47 17.41
C ALA C 82 28.28 6.25 17.29
N GLU C 83 28.87 6.06 16.10
CA GLU C 83 29.73 4.92 15.84
C GLU C 83 30.92 4.94 16.81
N ARG C 84 31.52 6.12 16.99
CA ARG C 84 32.64 6.27 17.90
C ARG C 84 32.19 5.99 19.34
N LEU C 85 31.23 6.78 19.80
CA LEU C 85 30.65 6.64 21.13
C LEU C 85 30.38 5.16 21.43
N LEU C 86 29.79 4.48 20.46
CA LEU C 86 29.49 3.06 20.60
C LEU C 86 30.76 2.23 20.61
N THR C 87 31.64 2.52 19.64
CA THR C 87 32.88 1.77 19.49
C THR C 87 33.93 2.05 20.57
N ASP C 88 34.13 3.32 20.90
CA ASP C 88 35.13 3.70 21.88
C ASP C 88 34.76 3.45 23.35
N ILE C 89 33.87 4.27 23.90
CA ILE C 89 33.49 4.15 25.30
C ILE C 89 32.57 2.99 25.69
N ILE C 90 31.43 2.84 25.04
CA ILE C 90 30.52 1.76 25.40
C ILE C 90 31.16 0.41 25.11
N GLY C 91 32.02 0.37 24.11
CA GLY C 91 32.69 -0.88 23.78
C GLY C 91 31.84 -2.00 23.23
N LEU C 92 30.82 -1.67 22.44
CA LEU C 92 29.97 -2.71 21.87
C LEU C 92 30.75 -3.36 20.73
N ASP C 93 30.30 -4.53 20.29
CA ASP C 93 30.98 -5.23 19.19
C ASP C 93 30.97 -4.36 17.93
N ILE C 94 32.12 -4.26 17.29
CA ILE C 94 32.24 -3.45 16.08
C ILE C 94 31.39 -3.96 14.92
N ASN C 95 31.04 -5.23 14.96
CA ASN C 95 30.22 -5.80 13.90
C ASN C 95 28.80 -5.26 14.05
N LYS C 96 28.54 -4.63 15.20
CA LYS C 96 27.21 -4.10 15.48
C LYS C 96 27.13 -2.57 15.63
N VAL C 97 28.28 -1.91 15.64
CA VAL C 97 28.32 -0.46 15.80
C VAL C 97 27.54 0.32 14.72
N HIS C 98 27.59 -0.14 13.48
CA HIS C 98 26.89 0.57 12.41
C HIS C 98 25.37 0.51 12.56
N ASP C 99 24.82 -0.70 12.48
CA ASP C 99 23.38 -0.91 12.59
C ASP C 99 22.77 -0.24 13.81
N GLU C 100 23.60 0.02 14.81
CA GLU C 100 23.14 0.69 16.02
C GLU C 100 23.15 2.18 15.75
N ALA C 101 24.29 2.69 15.28
CA ALA C 101 24.38 4.11 14.96
C ALA C 101 23.35 4.42 13.89
N ASP C 102 23.03 3.44 13.07
CA ASP C 102 22.04 3.63 12.01
C ASP C 102 20.70 4.04 12.60
N ARG C 103 20.47 3.71 13.87
CA ARG C 103 19.21 4.07 14.54
C ARG C 103 19.37 5.33 15.36
N TRP C 104 20.50 5.42 16.07
CA TRP C 104 20.78 6.58 16.92
C TRP C 104 20.86 7.88 16.15
N GLU C 105 21.43 7.84 14.95
CA GLU C 105 21.57 9.06 14.15
C GLU C 105 20.28 9.89 14.07
N HIS C 106 19.15 9.21 14.24
CA HIS C 106 17.85 9.87 14.15
C HIS C 106 17.23 10.30 15.46
N VAL C 107 17.98 10.18 16.55
CA VAL C 107 17.47 10.60 17.86
C VAL C 107 18.51 11.41 18.60
N MET C 108 19.72 11.43 18.07
CA MET C 108 20.81 12.20 18.67
C MET C 108 20.52 13.67 18.45
N SER C 109 20.59 14.47 19.50
CA SER C 109 20.32 15.91 19.38
C SER C 109 21.58 16.68 19.10
N ASP C 110 21.39 17.93 18.73
CA ASP C 110 22.52 18.78 18.42
C ASP C 110 23.33 19.00 19.69
N GLU C 111 22.66 19.08 20.84
CA GLU C 111 23.38 19.27 22.09
C GLU C 111 24.19 18.03 22.41
N VAL C 112 23.57 16.86 22.35
CA VAL C 112 24.33 15.67 22.65
C VAL C 112 25.44 15.55 21.63
N GLU C 113 25.20 16.02 20.40
CA GLU C 113 26.22 15.97 19.36
C GLU C 113 27.37 16.88 19.82
N ARG C 114 27.03 18.15 19.99
CA ARG C 114 27.95 19.20 20.43
C ARG C 114 28.91 18.78 21.53
N ARG C 115 28.44 17.88 22.38
CA ARG C 115 29.23 17.41 23.51
C ARG C 115 30.04 16.19 23.13
N LEU C 116 29.36 15.19 22.59
CA LEU C 116 30.01 13.95 22.20
C LEU C 116 31.36 14.19 21.52
N VAL C 117 31.43 15.25 20.72
CA VAL C 117 32.67 15.58 20.01
C VAL C 117 33.70 16.08 21.02
N LYS C 118 33.20 16.78 22.03
CA LYS C 118 34.02 17.34 23.09
C LYS C 118 34.59 16.23 23.97
N VAL C 119 33.80 15.19 24.18
CA VAL C 119 34.21 14.07 25.02
C VAL C 119 34.78 12.87 24.27
N LEU C 120 34.77 12.92 22.94
CA LEU C 120 35.29 11.80 22.16
C LEU C 120 36.68 12.06 21.58
N ASP D 3 7.34 13.69 19.03
CA ASP D 3 7.21 12.31 18.47
C ASP D 3 7.61 11.25 19.49
N LEU D 4 6.78 10.21 19.59
CA LEU D 4 6.99 9.14 20.54
C LEU D 4 8.00 8.11 20.05
N VAL D 5 8.59 8.34 18.88
CA VAL D 5 9.55 7.41 18.28
C VAL D 5 8.85 6.06 18.10
N ASP D 6 8.44 5.43 19.20
CA ASP D 6 7.69 4.18 19.15
C ASP D 6 6.47 4.36 20.06
N THR D 7 5.28 4.13 19.51
CA THR D 7 4.07 4.30 20.28
C THR D 7 3.83 3.21 21.31
N THR D 8 3.75 1.96 20.87
CA THR D 8 3.50 0.85 21.77
C THR D 8 4.40 0.88 23.01
N GLU D 9 5.69 1.10 22.81
CA GLU D 9 6.61 1.13 23.93
C GLU D 9 6.32 2.25 24.93
N MET D 10 5.94 3.43 24.46
CA MET D 10 5.65 4.53 25.39
C MET D 10 4.35 4.21 26.14
N TYR D 11 3.32 3.78 25.42
CA TYR D 11 2.08 3.43 26.08
C TYR D 11 2.37 2.40 27.15
N LEU D 12 3.32 1.51 26.89
CA LEU D 12 3.63 0.52 27.89
C LEU D 12 4.39 1.19 29.03
N ARG D 13 5.48 1.87 28.73
CA ARG D 13 6.23 2.50 29.79
C ARG D 13 5.31 3.30 30.69
N THR D 14 4.39 4.04 30.09
CA THR D 14 3.45 4.87 30.84
C THR D 14 2.56 4.06 31.76
N ILE D 15 1.99 2.98 31.24
CA ILE D 15 1.12 2.16 32.09
C ILE D 15 1.95 1.61 33.24
N TYR D 16 3.24 1.38 33.01
CA TYR D 16 4.12 0.86 34.05
C TYR D 16 4.53 1.99 34.99
N GLU D 17 4.41 3.22 34.53
CA GLU D 17 4.78 4.33 35.39
C GLU D 17 3.61 4.66 36.28
N LEU D 18 2.41 4.58 35.72
CA LEU D 18 1.21 4.88 36.48
C LEU D 18 1.15 3.97 37.70
N GLU D 19 1.26 2.66 37.47
CA GLU D 19 1.22 1.65 38.52
C GLU D 19 2.23 2.00 39.62
N GLU D 20 3.46 2.28 39.21
CA GLU D 20 4.54 2.64 40.12
C GLU D 20 4.15 3.75 41.09
N GLU D 21 3.21 4.60 40.71
CA GLU D 21 2.79 5.69 41.58
C GLU D 21 1.36 5.55 42.07
N GLY D 22 0.84 4.33 42.04
CA GLY D 22 -0.49 4.07 42.53
C GLY D 22 -1.68 4.68 41.81
N VAL D 23 -1.49 5.19 40.61
CA VAL D 23 -2.61 5.74 39.86
C VAL D 23 -3.25 4.60 39.08
N THR D 24 -4.56 4.61 38.94
CA THR D 24 -5.21 3.54 38.21
C THR D 24 -4.95 3.75 36.73
N PRO D 25 -4.20 2.83 36.11
CA PRO D 25 -3.91 2.96 34.68
C PRO D 25 -5.19 2.99 33.87
N LEU D 26 -5.56 4.19 33.45
CA LEU D 26 -6.77 4.40 32.67
C LEU D 26 -6.44 5.23 31.42
N ARG D 27 -6.96 4.80 30.28
CA ARG D 27 -6.71 5.49 29.02
C ARG D 27 -6.78 6.99 29.21
N ALA D 28 -7.62 7.40 30.16
CA ALA D 28 -7.80 8.81 30.46
C ALA D 28 -6.48 9.42 30.87
N ARG D 29 -5.69 8.65 31.60
CA ARG D 29 -4.40 9.13 32.07
C ARG D 29 -3.36 9.09 30.97
N ILE D 30 -3.30 7.97 30.24
CA ILE D 30 -2.32 7.87 29.17
C ILE D 30 -2.47 9.08 28.26
N ALA D 31 -3.72 9.42 27.94
CA ALA D 31 -3.96 10.57 27.07
C ALA D 31 -3.28 11.80 27.59
N GLU D 32 -3.55 12.15 28.85
CA GLU D 32 -2.96 13.34 29.44
C GLU D 32 -1.47 13.21 29.67
N ARG D 33 -1.02 11.99 29.86
CA ARG D 33 0.40 11.80 30.10
C ARG D 33 1.16 11.98 28.79
N LEU D 34 0.64 11.37 27.75
CA LEU D 34 1.26 11.40 26.44
C LEU D 34 0.81 12.52 25.53
N GLU D 35 -0.04 13.41 26.03
CA GLU D 35 -0.51 14.55 25.24
C GLU D 35 -1.32 14.12 24.01
N GLN D 36 -2.07 13.04 24.12
CA GLN D 36 -2.86 12.56 22.99
C GLN D 36 -4.37 12.57 23.25
N SER D 37 -5.13 12.64 22.17
CA SER D 37 -6.59 12.66 22.25
C SER D 37 -7.21 11.37 22.75
N GLY D 38 -8.37 11.51 23.38
CA GLY D 38 -9.06 10.36 23.93
C GLY D 38 -9.29 9.27 22.90
N PRO D 39 -9.86 9.61 21.72
CA PRO D 39 -10.08 8.60 20.70
C PRO D 39 -8.79 7.97 20.17
N THR D 40 -7.72 8.75 20.09
CA THR D 40 -6.48 8.17 19.63
C THR D 40 -6.11 7.09 20.64
N VAL D 41 -6.03 7.47 21.91
CA VAL D 41 -5.64 6.54 22.96
C VAL D 41 -6.52 5.32 23.04
N SER D 42 -7.83 5.53 23.02
CA SER D 42 -8.72 4.39 23.10
C SER D 42 -8.45 3.47 21.91
N GLN D 43 -7.95 4.04 20.82
CA GLN D 43 -7.65 3.29 19.61
C GLN D 43 -6.33 2.53 19.64
N THR D 44 -5.24 3.22 19.98
CA THR D 44 -3.93 2.56 20.03
C THR D 44 -3.99 1.42 21.04
N VAL D 45 -4.65 1.67 22.16
CA VAL D 45 -4.76 0.64 23.18
C VAL D 45 -5.46 -0.56 22.58
N ALA D 46 -6.59 -0.31 21.93
CA ALA D 46 -7.34 -1.39 21.31
C ALA D 46 -6.40 -2.31 20.54
N ARG D 47 -5.50 -1.71 19.76
CA ARG D 47 -4.57 -2.50 18.97
C ARG D 47 -3.55 -3.19 19.85
N MET D 48 -3.15 -2.53 20.93
CA MET D 48 -2.19 -3.14 21.85
C MET D 48 -2.82 -4.38 22.47
N GLU D 49 -4.14 -4.31 22.66
CA GLU D 49 -4.87 -5.43 23.24
C GLU D 49 -4.87 -6.55 22.21
N ARG D 50 -5.20 -6.19 20.97
CA ARG D 50 -5.26 -7.14 19.87
C ARG D 50 -3.95 -7.89 19.80
N ASP D 51 -2.87 -7.13 19.71
CA ASP D 51 -1.55 -7.73 19.65
C ASP D 51 -1.22 -8.42 20.97
N GLY D 52 -2.22 -8.48 21.84
CA GLY D 52 -2.07 -9.13 23.13
C GLY D 52 -1.04 -8.59 24.09
N LEU D 53 -0.87 -7.27 24.13
CA LEU D 53 0.11 -6.69 25.03
C LEU D 53 -0.54 -6.17 26.32
N VAL D 54 -1.78 -5.70 26.23
CA VAL D 54 -2.49 -5.21 27.41
C VAL D 54 -3.96 -5.51 27.32
N VAL D 55 -4.55 -5.90 28.45
CA VAL D 55 -5.97 -6.19 28.51
C VAL D 55 -6.71 -5.09 29.24
N VAL D 56 -7.85 -4.68 28.70
CA VAL D 56 -8.61 -3.63 29.34
C VAL D 56 -9.62 -4.26 30.29
N ALA D 57 -9.22 -4.41 31.54
CA ALA D 57 -10.06 -5.01 32.58
C ALA D 57 -11.40 -4.30 32.76
N SER D 58 -12.35 -5.03 33.33
CA SER D 58 -13.70 -4.53 33.58
C SER D 58 -13.79 -3.17 34.26
N ASP D 59 -12.89 -2.90 35.19
CA ASP D 59 -12.87 -1.61 35.88
C ASP D 59 -12.44 -0.53 34.89
N ARG D 60 -12.24 -0.95 33.65
CA ARG D 60 -11.82 -0.10 32.52
C ARG D 60 -10.31 0.13 32.62
N SER D 61 -9.68 -0.59 33.55
CA SER D 61 -8.25 -0.46 33.77
C SER D 61 -7.45 -1.28 32.77
N LEU D 62 -6.25 -0.79 32.46
CA LEU D 62 -5.37 -1.47 31.51
C LEU D 62 -4.52 -2.46 32.31
N GLN D 63 -4.41 -3.68 31.81
CA GLN D 63 -3.59 -4.65 32.51
C GLN D 63 -2.60 -5.28 31.57
N MET D 64 -1.33 -4.97 31.80
CA MET D 64 -0.26 -5.49 30.99
C MET D 64 -0.22 -7.01 31.06
N THR D 65 -0.35 -7.66 29.91
CA THR D 65 -0.26 -9.11 29.87
C THR D 65 1.18 -9.35 30.26
N PRO D 66 1.56 -10.62 30.50
CA PRO D 66 2.93 -10.97 30.89
C PRO D 66 4.00 -10.42 29.93
N THR D 67 3.71 -10.52 28.64
CA THR D 67 4.62 -10.02 27.62
C THR D 67 4.63 -8.50 27.69
N GLY D 68 3.44 -7.93 27.79
CA GLY D 68 3.34 -6.48 27.87
C GLY D 68 4.28 -5.97 28.94
N ARG D 69 4.20 -6.56 30.12
CA ARG D 69 5.04 -6.17 31.25
C ARG D 69 6.51 -6.26 30.89
N THR D 70 6.88 -7.40 30.32
CA THR D 70 8.26 -7.65 29.92
C THR D 70 8.82 -6.48 29.15
N LEU D 71 8.05 -6.01 28.18
CA LEU D 71 8.45 -4.86 27.38
C LEU D 71 8.60 -3.67 28.33
N ALA D 72 7.49 -3.31 28.96
CA ALA D 72 7.45 -2.19 29.88
C ALA D 72 8.75 -2.11 30.67
N THR D 73 9.11 -3.22 31.30
CA THR D 73 10.31 -3.26 32.11
C THR D 73 11.57 -3.00 31.27
N ALA D 74 11.61 -3.54 30.06
CA ALA D 74 12.76 -3.35 29.20
C ALA D 74 12.97 -1.87 28.85
N VAL D 75 11.91 -1.22 28.37
CA VAL D 75 11.98 0.19 28.02
C VAL D 75 12.48 0.97 29.22
N MET D 76 11.85 0.75 30.37
CA MET D 76 12.25 1.45 31.60
C MET D 76 13.74 1.24 31.82
N ARG D 77 14.16 -0.02 31.73
CA ARG D 77 15.56 -0.41 31.90
C ARG D 77 16.46 0.49 31.06
N LYS D 78 16.20 0.53 29.76
CA LYS D 78 17.00 1.34 28.84
C LYS D 78 16.82 2.82 29.12
N HIS D 79 15.61 3.22 29.47
CA HIS D 79 15.37 4.61 29.75
C HIS D 79 16.30 5.10 30.85
N ARG D 80 16.38 4.34 31.94
CA ARG D 80 17.22 4.69 33.08
C ARG D 80 18.69 4.63 32.68
N LEU D 81 19.04 3.57 31.94
CA LEU D 81 20.42 3.39 31.49
C LEU D 81 20.86 4.58 30.65
N ALA D 82 19.99 5.03 29.77
CA ALA D 82 20.29 6.17 28.91
C ALA D 82 20.49 7.42 29.78
N GLU D 83 19.49 7.73 30.60
CA GLU D 83 19.56 8.90 31.46
C GLU D 83 20.92 8.97 32.14
N ARG D 84 21.44 7.82 32.55
CA ARG D 84 22.74 7.76 33.22
C ARG D 84 23.88 8.04 32.24
N LEU D 85 23.99 7.19 31.22
CA LEU D 85 25.02 7.35 30.21
C LEU D 85 25.11 8.82 29.78
N LEU D 86 23.96 9.44 29.54
CA LEU D 86 23.93 10.84 29.13
C LEU D 86 24.56 11.71 30.19
N THR D 87 23.95 11.72 31.37
CA THR D 87 24.40 12.52 32.52
C THR D 87 25.86 12.29 32.93
N ASP D 88 26.19 11.05 33.27
CA ASP D 88 27.53 10.68 33.70
C ASP D 88 28.62 10.93 32.66
N ILE D 89 28.63 10.09 31.62
CA ILE D 89 29.62 10.18 30.56
C ILE D 89 29.42 11.31 29.55
N ILE D 90 28.36 11.25 28.77
CA ILE D 90 28.08 12.28 27.76
C ILE D 90 28.09 13.66 28.39
N GLY D 91 27.75 13.73 29.67
CA GLY D 91 27.74 15.00 30.39
C GLY D 91 26.69 16.02 29.96
N LEU D 92 25.60 15.54 29.38
CA LEU D 92 24.55 16.42 28.90
C LEU D 92 23.82 17.11 30.06
N ASP D 93 23.31 18.32 29.78
CA ASP D 93 22.58 19.10 30.77
C ASP D 93 21.43 18.30 31.38
N ILE D 94 21.52 18.05 32.68
CA ILE D 94 20.52 17.29 33.41
C ILE D 94 19.07 17.63 33.09
N ASN D 95 18.82 18.90 32.80
CA ASN D 95 17.46 19.33 32.50
C ASN D 95 16.92 18.71 31.23
N LYS D 96 17.81 18.40 30.28
CA LYS D 96 17.40 17.82 29.01
C LYS D 96 17.67 16.32 28.92
N VAL D 97 18.20 15.74 29.98
CA VAL D 97 18.51 14.32 29.96
C VAL D 97 17.30 13.39 29.88
N HIS D 98 16.17 13.79 30.45
CA HIS D 98 15.01 12.93 30.36
C HIS D 98 14.48 12.85 28.93
N ASP D 99 14.27 14.02 28.33
CA ASP D 99 13.75 14.12 26.96
C ASP D 99 14.61 13.46 25.87
N GLU D 100 15.88 13.22 26.16
CA GLU D 100 16.75 12.55 25.19
C GLU D 100 16.58 11.07 25.43
N ALA D 101 16.61 10.70 26.71
CA ALA D 101 16.44 9.32 27.11
C ALA D 101 15.08 8.85 26.62
N ASP D 102 14.12 9.77 26.62
CA ASP D 102 12.77 9.46 26.17
C ASP D 102 12.81 8.92 24.74
N ARG D 103 13.77 9.38 23.95
CA ARG D 103 13.90 8.96 22.56
C ARG D 103 14.83 7.78 22.42
N TRP D 104 15.99 7.85 23.07
CA TRP D 104 16.96 6.78 22.98
C TRP D 104 16.43 5.44 23.48
N GLU D 105 15.56 5.45 24.48
CA GLU D 105 15.06 4.20 25.03
C GLU D 105 14.54 3.22 24.00
N HIS D 106 13.90 3.75 22.95
CA HIS D 106 13.31 2.92 21.91
C HIS D 106 14.28 2.51 20.85
N VAL D 107 15.41 3.19 20.80
CA VAL D 107 16.38 2.91 19.77
C VAL D 107 17.56 2.10 20.26
N MET D 108 17.68 1.96 21.57
CA MET D 108 18.78 1.21 22.17
C MET D 108 18.56 -0.30 22.16
N SER D 109 19.59 -1.04 21.76
CA SER D 109 19.54 -2.49 21.69
C SER D 109 19.81 -3.14 23.04
N ASP D 110 19.55 -4.44 23.13
CA ASP D 110 19.80 -5.17 24.36
C ASP D 110 21.31 -5.28 24.54
N GLU D 111 22.00 -5.53 23.43
CA GLU D 111 23.46 -5.66 23.43
C GLU D 111 24.03 -4.43 24.12
N VAL D 112 23.66 -3.26 23.62
CA VAL D 112 24.13 -2.00 24.21
C VAL D 112 23.59 -1.89 25.62
N GLU D 113 22.42 -2.47 25.85
CA GLU D 113 21.82 -2.41 27.18
C GLU D 113 22.76 -3.16 28.12
N ARG D 114 22.86 -4.47 27.92
CA ARG D 114 23.71 -5.34 28.73
C ARG D 114 25.13 -4.80 28.88
N ARG D 115 25.63 -4.23 27.78
CA ARG D 115 26.96 -3.65 27.76
C ARG D 115 27.01 -2.43 28.69
N LEU D 116 26.04 -1.53 28.54
CA LEU D 116 25.97 -0.32 29.35
C LEU D 116 25.77 -0.64 30.83
N VAL D 117 25.10 -1.74 31.11
CA VAL D 117 24.83 -2.13 32.48
C VAL D 117 26.14 -2.21 33.24
N LYS D 118 27.20 -2.63 32.54
CA LYS D 118 28.53 -2.76 33.11
C LYS D 118 29.25 -1.42 33.03
N VAL D 119 29.88 -1.17 31.88
CA VAL D 119 30.61 0.08 31.64
C VAL D 119 30.08 1.24 32.47
N LEU D 120 28.77 1.46 32.41
CA LEU D 120 28.16 2.55 33.15
C LEU D 120 28.37 2.32 34.64
N ASP E 3 -13.21 -7.92 -6.76
CA ASP E 3 -12.77 -6.89 -7.75
C ASP E 3 -13.89 -5.94 -8.15
N LEU E 4 -13.52 -4.74 -8.55
CA LEU E 4 -14.50 -3.74 -8.97
C LEU E 4 -14.49 -3.63 -10.49
N VAL E 5 -13.61 -4.38 -11.15
CA VAL E 5 -13.46 -4.37 -12.60
C VAL E 5 -13.04 -2.99 -13.06
N ASP E 6 -13.60 -1.97 -12.41
CA ASP E 6 -13.28 -0.57 -12.66
C ASP E 6 -13.76 0.21 -11.45
N THR E 7 -12.79 0.72 -10.69
CA THR E 7 -13.07 1.48 -9.49
C THR E 7 -13.83 2.77 -9.77
N THR E 8 -13.20 3.71 -10.43
CA THR E 8 -13.83 4.98 -10.76
C THR E 8 -15.32 4.84 -11.06
N GLU E 9 -15.68 3.87 -11.90
CA GLU E 9 -17.08 3.69 -12.23
C GLU E 9 -17.92 3.27 -11.06
N MET E 10 -17.46 2.28 -10.30
CA MET E 10 -18.21 1.83 -9.13
C MET E 10 -18.26 2.95 -8.06
N TYR E 11 -17.42 3.98 -8.21
CA TYR E 11 -17.46 5.08 -7.26
C TYR E 11 -18.57 6.00 -7.72
N LEU E 12 -18.56 6.33 -9.00
CA LEU E 12 -19.57 7.19 -9.58
C LEU E 12 -20.91 6.50 -9.39
N ARG E 13 -21.06 5.29 -9.90
CA ARG E 13 -22.33 4.59 -9.74
C ARG E 13 -22.79 4.63 -8.31
N THR E 14 -21.88 4.39 -7.37
CA THR E 14 -22.22 4.41 -5.96
C THR E 14 -22.70 5.77 -5.49
N ILE E 15 -21.97 6.83 -5.85
CA ILE E 15 -22.38 8.17 -5.43
C ILE E 15 -23.77 8.48 -5.97
N TYR E 16 -24.13 7.92 -7.11
CA TYR E 16 -25.43 8.15 -7.71
C TYR E 16 -26.50 7.45 -6.88
N GLU E 17 -26.33 6.14 -6.68
CA GLU E 17 -27.28 5.37 -5.89
C GLU E 17 -27.51 6.03 -4.53
N LEU E 18 -26.43 6.49 -3.92
CA LEU E 18 -26.51 7.14 -2.63
C LEU E 18 -27.49 8.29 -2.74
N GLU E 19 -27.32 9.10 -3.77
CA GLU E 19 -28.19 10.26 -4.00
C GLU E 19 -29.65 9.80 -4.09
N GLU E 20 -29.89 8.76 -4.86
CA GLU E 20 -31.24 8.23 -5.04
C GLU E 20 -31.90 7.89 -3.71
N GLU E 21 -31.10 7.40 -2.76
CA GLU E 21 -31.62 7.01 -1.45
C GLU E 21 -31.76 8.21 -0.53
N GLY E 22 -31.48 9.38 -1.06
CA GLY E 22 -31.58 10.57 -0.25
C GLY E 22 -30.51 10.67 0.81
N VAL E 23 -29.55 9.75 0.77
CA VAL E 23 -28.44 9.75 1.71
C VAL E 23 -27.43 10.78 1.24
N THR E 24 -26.55 11.23 2.11
CA THR E 24 -25.54 12.19 1.68
C THR E 24 -24.28 11.44 1.31
N PRO E 25 -23.83 11.58 0.06
CA PRO E 25 -22.62 10.88 -0.38
C PRO E 25 -21.36 11.43 0.29
N LEU E 26 -20.81 10.63 1.20
CA LEU E 26 -19.59 11.02 1.89
C LEU E 26 -18.61 9.91 1.59
N ARG E 27 -17.32 10.25 1.47
CA ARG E 27 -16.33 9.21 1.20
C ARG E 27 -16.59 8.03 2.13
N ALA E 28 -17.05 8.33 3.35
CA ALA E 28 -17.37 7.31 4.34
C ALA E 28 -18.46 6.33 3.93
N ARG E 29 -19.36 6.74 3.05
CA ARG E 29 -20.41 5.82 2.62
C ARG E 29 -19.89 4.91 1.52
N ILE E 30 -18.87 5.35 0.78
CA ILE E 30 -18.36 4.49 -0.26
C ILE E 30 -17.52 3.40 0.38
N ALA E 31 -16.68 3.80 1.32
CA ALA E 31 -15.82 2.84 2.01
C ALA E 31 -16.71 1.73 2.53
N GLU E 32 -17.89 2.14 3.00
CA GLU E 32 -18.88 1.21 3.55
C GLU E 32 -19.39 0.25 2.51
N ARG E 33 -20.09 0.78 1.53
CA ARG E 33 -20.68 -0.02 0.48
C ARG E 33 -19.68 -0.81 -0.32
N LEU E 34 -18.55 -0.20 -0.63
CA LEU E 34 -17.53 -0.87 -1.40
C LEU E 34 -16.57 -1.69 -0.56
N GLU E 35 -16.73 -1.63 0.77
CA GLU E 35 -15.86 -2.40 1.66
C GLU E 35 -14.40 -2.08 1.41
N GLN E 36 -14.07 -0.79 1.44
CA GLN E 36 -12.70 -0.34 1.23
C GLN E 36 -12.23 0.51 2.39
N SER E 37 -10.93 0.60 2.57
CA SER E 37 -10.38 1.39 3.65
C SER E 37 -10.65 2.86 3.41
N GLY E 38 -10.65 3.63 4.49
CA GLY E 38 -10.89 5.05 4.37
C GLY E 38 -9.81 5.74 3.58
N PRO E 39 -8.53 5.48 3.87
CA PRO E 39 -7.48 6.17 3.10
C PRO E 39 -7.62 5.89 1.62
N THR E 40 -7.98 4.66 1.25
CA THR E 40 -8.14 4.30 -0.15
C THR E 40 -9.15 5.23 -0.79
N VAL E 41 -10.35 5.24 -0.24
CA VAL E 41 -11.44 6.08 -0.76
C VAL E 41 -11.00 7.52 -0.97
N SER E 42 -10.24 8.05 -0.01
CA SER E 42 -9.78 9.43 -0.13
C SER E 42 -8.77 9.58 -1.27
N GLN E 43 -7.89 8.60 -1.44
CA GLN E 43 -6.87 8.60 -2.48
C GLN E 43 -7.49 8.58 -3.87
N THR E 44 -8.49 7.73 -4.04
CA THR E 44 -9.17 7.60 -5.32
C THR E 44 -10.04 8.83 -5.58
N VAL E 45 -10.83 9.25 -4.59
CA VAL E 45 -11.65 10.43 -4.82
C VAL E 45 -10.70 11.52 -5.28
N ALA E 46 -9.55 11.61 -4.60
CA ALA E 46 -8.55 12.60 -4.96
C ALA E 46 -8.29 12.55 -6.47
N ARG E 47 -8.06 11.33 -6.96
CA ARG E 47 -7.81 11.09 -8.37
C ARG E 47 -9.04 11.44 -9.21
N MET E 48 -10.19 11.04 -8.72
CA MET E 48 -11.44 11.31 -9.44
C MET E 48 -11.67 12.81 -9.51
N GLU E 49 -11.21 13.51 -8.48
CA GLU E 49 -11.37 14.95 -8.42
C GLU E 49 -10.34 15.62 -9.31
N ARG E 50 -9.28 14.88 -9.63
CA ARG E 50 -8.21 15.40 -10.46
C ARG E 50 -8.58 15.28 -11.93
N ASP E 51 -9.29 14.21 -12.29
CA ASP E 51 -9.70 13.99 -13.67
C ASP E 51 -11.02 14.70 -13.92
N GLY E 52 -11.48 15.40 -12.89
CA GLY E 52 -12.70 16.17 -13.01
C GLY E 52 -14.05 15.45 -13.03
N LEU E 53 -14.14 14.32 -12.35
CA LEU E 53 -15.37 13.56 -12.32
C LEU E 53 -16.23 13.89 -11.12
N VAL E 54 -15.59 14.40 -10.07
CA VAL E 54 -16.27 14.74 -8.83
C VAL E 54 -15.59 15.93 -8.18
N VAL E 55 -16.22 16.49 -7.16
CA VAL E 55 -15.66 17.63 -6.45
C VAL E 55 -16.01 17.45 -5.00
N VAL E 56 -15.06 17.71 -4.12
CA VAL E 56 -15.37 17.55 -2.72
C VAL E 56 -15.84 18.89 -2.15
N ALA E 57 -17.09 18.91 -1.70
CA ALA E 57 -17.68 20.12 -1.12
C ALA E 57 -16.96 20.53 0.16
N SER E 58 -17.48 21.56 0.82
CA SER E 58 -16.88 22.05 2.06
C SER E 58 -17.47 21.32 3.26
N ASP E 59 -18.39 20.41 2.98
CA ASP E 59 -19.01 19.60 4.01
C ASP E 59 -18.66 18.15 3.69
N ARG E 60 -17.52 17.97 3.03
CA ARG E 60 -17.01 16.66 2.65
C ARG E 60 -17.92 15.90 1.69
N SER E 61 -19.11 16.44 1.44
CA SER E 61 -20.05 15.78 0.52
C SER E 61 -19.45 15.77 -0.87
N LEU E 62 -19.61 14.65 -1.57
CA LEU E 62 -19.07 14.48 -2.91
C LEU E 62 -20.03 14.98 -3.98
N GLN E 63 -19.63 16.02 -4.69
CA GLN E 63 -20.46 16.60 -5.73
C GLN E 63 -19.94 16.20 -7.11
N MET E 64 -20.65 15.29 -7.76
CA MET E 64 -20.27 14.84 -9.08
C MET E 64 -20.24 16.04 -10.01
N THR E 65 -19.58 15.88 -11.16
CA THR E 65 -19.49 16.95 -12.14
C THR E 65 -20.39 16.51 -13.28
N PRO E 66 -20.78 17.44 -14.16
CA PRO E 66 -21.64 17.03 -15.27
C PRO E 66 -21.00 15.87 -16.02
N THR E 67 -19.66 15.86 -16.06
CA THR E 67 -18.95 14.79 -16.73
C THR E 67 -19.07 13.55 -15.86
N GLY E 68 -18.90 13.74 -14.56
CA GLY E 68 -19.00 12.62 -13.65
C GLY E 68 -20.40 12.06 -13.72
N ARG E 69 -21.39 12.94 -13.60
CA ARG E 69 -22.78 12.54 -13.63
C ARG E 69 -23.19 11.67 -14.80
N THR E 70 -22.63 11.95 -15.98
CA THR E 70 -22.98 11.19 -17.17
C THR E 70 -22.59 9.71 -17.11
N LEU E 71 -21.31 9.41 -16.86
CA LEU E 71 -20.95 7.99 -16.81
C LEU E 71 -21.58 7.39 -15.57
N ALA E 72 -21.84 8.24 -14.59
CA ALA E 72 -22.49 7.80 -13.37
C ALA E 72 -23.80 7.19 -13.86
N THR E 73 -24.49 7.91 -14.71
CA THR E 73 -25.76 7.44 -15.24
C THR E 73 -25.59 6.26 -16.19
N ALA E 74 -24.64 6.40 -17.12
CA ALA E 74 -24.38 5.35 -18.08
C ALA E 74 -24.15 3.99 -17.42
N VAL E 75 -23.35 3.97 -16.35
CA VAL E 75 -23.08 2.72 -15.65
C VAL E 75 -24.37 2.18 -15.05
N MET E 76 -25.12 3.08 -14.41
CA MET E 76 -26.39 2.72 -13.81
C MET E 76 -27.23 2.03 -14.88
N ARG E 77 -27.37 2.72 -16.01
CA ARG E 77 -28.14 2.26 -17.17
C ARG E 77 -27.72 0.90 -17.73
N LYS E 78 -26.43 0.71 -17.94
CA LYS E 78 -25.92 -0.56 -18.47
C LYS E 78 -26.07 -1.60 -17.39
N HIS E 79 -26.06 -1.16 -16.14
CA HIS E 79 -26.21 -2.07 -15.04
C HIS E 79 -27.60 -2.67 -15.03
N ARG E 80 -28.61 -1.85 -15.34
CA ARG E 80 -30.00 -2.31 -15.35
C ARG E 80 -30.27 -3.28 -16.49
N LEU E 81 -29.77 -2.94 -17.68
CA LEU E 81 -29.93 -3.79 -18.84
C LEU E 81 -29.30 -5.16 -18.61
N ALA E 82 -28.07 -5.18 -18.10
CA ALA E 82 -27.38 -6.43 -17.86
C ALA E 82 -28.21 -7.36 -16.98
N GLU E 83 -28.90 -6.76 -15.99
CA GLU E 83 -29.73 -7.52 -15.05
C GLU E 83 -30.91 -8.10 -15.79
N ARG E 84 -31.52 -7.30 -16.67
CA ARG E 84 -32.64 -7.78 -17.46
C ARG E 84 -32.09 -8.89 -18.36
N LEU E 85 -31.14 -8.52 -19.22
CA LEU E 85 -30.50 -9.45 -20.16
C LEU E 85 -30.22 -10.79 -19.48
N LEU E 86 -29.65 -10.75 -18.28
CA LEU E 86 -29.34 -11.96 -17.54
C LEU E 86 -30.60 -12.60 -16.97
N THR E 87 -31.43 -11.76 -16.36
CA THR E 87 -32.66 -12.22 -15.73
C THR E 87 -33.71 -12.73 -16.72
N ASP E 88 -33.91 -11.98 -17.80
CA ASP E 88 -34.91 -12.35 -18.79
C ASP E 88 -34.47 -13.44 -19.77
N ILE E 89 -33.69 -13.07 -20.78
CA ILE E 89 -33.26 -14.03 -21.80
C ILE E 89 -32.30 -15.15 -21.39
N ILE E 90 -31.19 -14.83 -20.74
CA ILE E 90 -30.25 -15.89 -20.35
C ILE E 90 -30.86 -16.78 -19.29
N GLY E 91 -31.70 -16.22 -18.44
CA GLY E 91 -32.34 -17.02 -17.40
C GLY E 91 -31.42 -17.47 -16.28
N LEU E 92 -30.51 -16.60 -15.88
CA LEU E 92 -29.58 -16.91 -14.80
C LEU E 92 -30.31 -16.74 -13.47
N ASP E 93 -29.82 -17.38 -12.42
CA ASP E 93 -30.45 -17.28 -11.12
C ASP E 93 -30.58 -15.82 -10.71
N ILE E 94 -31.80 -15.42 -10.36
CA ILE E 94 -32.08 -14.05 -9.95
C ILE E 94 -31.22 -13.68 -8.75
N ASN E 95 -30.81 -14.70 -7.99
CA ASN E 95 -30.00 -14.47 -6.81
C ASN E 95 -28.62 -14.01 -7.23
N LYS E 96 -28.22 -14.34 -8.46
CA LYS E 96 -26.90 -14.00 -8.96
C LYS E 96 -26.86 -12.99 -10.11
N VAL E 97 -28.00 -12.40 -10.41
CA VAL E 97 -28.10 -11.44 -11.48
C VAL E 97 -27.42 -10.10 -11.18
N HIS E 98 -27.29 -9.75 -9.91
CA HIS E 98 -26.66 -8.47 -9.58
C HIS E 98 -25.15 -8.53 -9.69
N ASP E 99 -24.56 -9.37 -8.85
CA ASP E 99 -23.12 -9.51 -8.83
C ASP E 99 -22.57 -9.71 -10.23
N GLU E 100 -23.36 -10.32 -11.11
CA GLU E 100 -22.92 -10.53 -12.48
C GLU E 100 -22.99 -9.19 -13.18
N ALA E 101 -24.17 -8.58 -13.18
CA ALA E 101 -24.35 -7.28 -13.81
C ALA E 101 -23.37 -6.28 -13.21
N ASP E 102 -22.94 -6.54 -11.99
CA ASP E 102 -21.99 -5.66 -11.31
C ASP E 102 -20.68 -5.62 -12.09
N ARG E 103 -20.40 -6.69 -12.83
CA ARG E 103 -19.17 -6.77 -13.62
C ARG E 103 -19.39 -6.34 -15.07
N TRP E 104 -20.48 -6.82 -15.65
CA TRP E 104 -20.80 -6.50 -17.04
C TRP E 104 -21.01 -5.02 -17.28
N GLU E 105 -21.53 -4.31 -16.27
CA GLU E 105 -21.79 -2.87 -16.40
C GLU E 105 -20.55 -2.13 -16.87
N HIS E 106 -19.40 -2.68 -16.51
CA HIS E 106 -18.14 -2.05 -16.87
C HIS E 106 -17.51 -2.46 -18.17
N VAL E 107 -18.15 -3.36 -18.91
CA VAL E 107 -17.60 -3.80 -20.19
C VAL E 107 -18.68 -3.78 -21.26
N MET E 108 -19.86 -3.27 -20.89
CA MET E 108 -20.97 -3.18 -21.83
C MET E 108 -20.81 -1.88 -22.62
N SER E 109 -20.74 -2.00 -23.94
CA SER E 109 -20.58 -0.81 -24.80
C SER E 109 -21.88 -0.11 -25.08
N ASP E 110 -21.76 1.16 -25.44
CA ASP E 110 -22.93 1.96 -25.76
C ASP E 110 -23.63 1.18 -26.85
N GLU E 111 -22.83 0.76 -27.82
CA GLU E 111 -23.30 -0.01 -28.96
C GLU E 111 -24.24 -1.11 -28.52
N VAL E 112 -23.77 -1.96 -27.60
CA VAL E 112 -24.57 -3.06 -27.09
C VAL E 112 -25.69 -2.56 -26.20
N GLU E 113 -25.49 -1.38 -25.61
CA GLU E 113 -26.50 -0.79 -24.75
C GLU E 113 -27.69 -0.46 -25.64
N ARG E 114 -27.44 0.35 -26.67
CA ARG E 114 -28.46 0.80 -27.63
C ARG E 114 -29.34 -0.31 -28.19
N ARG E 115 -28.77 -1.50 -28.36
CA ARG E 115 -29.50 -2.63 -28.91
C ARG E 115 -30.28 -3.34 -27.82
N LEU E 116 -29.56 -3.71 -26.78
CA LEU E 116 -30.15 -4.41 -25.66
C LEU E 116 -31.50 -3.83 -25.27
N VAL E 117 -31.63 -2.51 -25.37
CA VAL E 117 -32.88 -1.85 -25.02
C VAL E 117 -33.93 -2.16 -26.09
N LYS E 118 -33.48 -2.15 -27.34
CA LYS E 118 -34.34 -2.41 -28.48
C LYS E 118 -34.78 -3.86 -28.53
N VAL E 119 -34.00 -4.73 -27.88
CA VAL E 119 -34.32 -6.15 -27.89
C VAL E 119 -34.89 -6.69 -26.58
N LEU E 120 -34.91 -5.86 -25.53
CA LEU E 120 -35.43 -6.33 -24.26
C LEU E 120 -36.86 -5.85 -23.98
N ASP F 3 -7.44 -1.88 -23.25
CA ASP F 3 -7.40 -2.56 -21.95
C ASP F 3 -7.77 -4.04 -22.04
N LEU F 4 -6.89 -4.87 -21.49
CA LEU F 4 -7.02 -6.31 -21.49
C LEU F 4 -7.96 -6.79 -20.40
N VAL F 5 -8.66 -5.88 -19.71
CA VAL F 5 -9.53 -6.29 -18.62
C VAL F 5 -8.70 -7.20 -17.72
N ASP F 6 -8.50 -8.47 -18.07
CA ASP F 6 -7.63 -9.34 -17.28
C ASP F 6 -6.44 -9.72 -18.14
N THR F 7 -5.24 -9.38 -17.67
CA THR F 7 -4.04 -9.68 -18.43
C THR F 7 -3.71 -11.18 -18.49
N THR F 8 -3.45 -11.79 -17.35
CA THR F 8 -3.12 -13.20 -17.33
C THR F 8 -4.01 -13.99 -18.27
N GLU F 9 -5.32 -13.79 -18.15
CA GLU F 9 -6.27 -14.51 -18.99
C GLU F 9 -6.12 -14.24 -20.48
N MET F 10 -5.62 -13.07 -20.87
CA MET F 10 -5.47 -12.81 -22.30
C MET F 10 -4.12 -13.40 -22.77
N TYR F 11 -3.17 -13.50 -21.84
CA TYR F 11 -1.88 -14.05 -22.21
C TYR F 11 -2.07 -15.55 -22.43
N LEU F 12 -3.03 -16.12 -21.71
CA LEU F 12 -3.31 -17.53 -21.82
C LEU F 12 -4.07 -17.79 -23.12
N ARG F 13 -5.14 -17.03 -23.34
CA ARG F 13 -5.89 -17.24 -24.55
C ARG F 13 -5.00 -17.06 -25.75
N THR F 14 -4.04 -16.15 -25.66
CA THR F 14 -3.14 -15.90 -26.79
C THR F 14 -2.23 -17.09 -27.02
N ILE F 15 -1.59 -17.58 -25.97
CA ILE F 15 -0.72 -18.73 -26.15
C ILE F 15 -1.53 -19.86 -26.73
N TYR F 16 -2.74 -20.06 -26.21
CA TYR F 16 -3.60 -21.12 -26.70
C TYR F 16 -4.00 -20.90 -28.15
N GLU F 17 -4.03 -19.65 -28.58
CA GLU F 17 -4.40 -19.34 -29.95
C GLU F 17 -3.23 -19.58 -30.90
N LEU F 18 -2.02 -19.31 -30.40
CA LEU F 18 -0.82 -19.49 -31.20
C LEU F 18 -0.64 -20.95 -31.55
N GLU F 19 -0.86 -21.83 -30.57
CA GLU F 19 -0.74 -23.27 -30.76
C GLU F 19 -1.74 -23.74 -31.83
N GLU F 20 -2.99 -23.35 -31.64
CA GLU F 20 -4.07 -23.70 -32.55
C GLU F 20 -3.70 -23.42 -34.00
N GLU F 21 -2.83 -22.43 -34.25
CA GLU F 21 -2.46 -22.13 -35.63
C GLU F 21 -1.04 -22.49 -36.00
N GLY F 22 -0.43 -23.32 -35.17
CA GLY F 22 0.92 -23.79 -35.44
C GLY F 22 2.10 -22.93 -35.05
N VAL F 23 1.88 -21.63 -34.86
CA VAL F 23 2.97 -20.73 -34.48
C VAL F 23 3.62 -21.19 -33.17
N THR F 24 4.92 -20.96 -33.02
CA THR F 24 5.59 -21.35 -31.79
C THR F 24 5.33 -20.26 -30.77
N PRO F 25 4.58 -20.57 -29.71
CA PRO F 25 4.33 -19.51 -28.73
C PRO F 25 5.65 -19.04 -28.11
N LEU F 26 6.02 -17.81 -28.46
CA LEU F 26 7.23 -17.18 -27.95
C LEU F 26 6.78 -15.81 -27.50
N ARG F 27 7.39 -15.31 -26.43
CA ARG F 27 7.00 -14.01 -25.93
C ARG F 27 6.90 -12.97 -27.05
N ALA F 28 7.83 -13.01 -28.00
CA ALA F 28 7.80 -12.04 -29.09
C ALA F 28 6.46 -12.07 -29.77
N ARG F 29 5.88 -13.27 -29.85
CA ARG F 29 4.59 -13.49 -30.48
C ARG F 29 3.49 -12.80 -29.69
N ILE F 30 3.52 -13.01 -28.38
CA ILE F 30 2.52 -12.40 -27.51
C ILE F 30 2.64 -10.89 -27.58
N ALA F 31 3.87 -10.40 -27.61
CA ALA F 31 4.08 -8.96 -27.68
C ALA F 31 3.40 -8.39 -28.92
N GLU F 32 3.48 -9.10 -30.05
CA GLU F 32 2.89 -8.62 -31.30
C GLU F 32 1.37 -8.67 -31.29
N ARG F 33 0.83 -9.77 -30.80
CA ARG F 33 -0.60 -9.96 -30.75
C ARG F 33 -1.32 -9.03 -29.77
N LEU F 34 -0.74 -8.89 -28.58
CA LEU F 34 -1.32 -8.06 -27.53
C LEU F 34 -0.92 -6.59 -27.65
N GLU F 35 -0.05 -6.28 -28.60
CA GLU F 35 0.39 -4.90 -28.81
C GLU F 35 1.08 -4.32 -27.57
N GLN F 36 1.83 -5.17 -26.89
CA GLN F 36 2.54 -4.78 -25.67
C GLN F 36 4.05 -4.82 -25.88
N SER F 37 4.76 -4.03 -25.10
CA SER F 37 6.21 -3.98 -25.21
C SER F 37 6.88 -5.32 -24.93
N GLY F 38 8.12 -5.45 -25.38
CA GLY F 38 8.86 -6.68 -25.16
C GLY F 38 9.14 -6.97 -23.68
N PRO F 39 9.72 -6.02 -22.93
CA PRO F 39 9.97 -6.34 -21.52
C PRO F 39 8.66 -6.54 -20.77
N THR F 40 7.63 -5.78 -21.12
CA THR F 40 6.36 -5.94 -20.45
C THR F 40 6.01 -7.43 -20.57
N VAL F 41 5.93 -7.91 -21.81
CA VAL F 41 5.58 -9.31 -22.03
C VAL F 41 6.48 -10.28 -21.28
N SER F 42 7.77 -9.97 -21.20
CA SER F 42 8.68 -10.88 -20.53
C SER F 42 8.43 -10.94 -19.03
N GLN F 43 8.10 -9.80 -18.43
CA GLN F 43 7.85 -9.73 -16.98
C GLN F 43 6.49 -10.25 -16.57
N THR F 44 5.50 -10.09 -17.45
CA THR F 44 4.15 -10.56 -17.16
C THR F 44 4.18 -12.08 -17.23
N VAL F 45 4.92 -12.61 -18.21
CA VAL F 45 5.01 -14.05 -18.36
C VAL F 45 5.75 -14.63 -17.15
N ALA F 46 6.61 -13.82 -16.54
CA ALA F 46 7.35 -14.30 -15.38
C ALA F 46 6.39 -14.59 -14.23
N ARG F 47 5.48 -13.64 -13.95
CA ARG F 47 4.50 -13.83 -12.88
C ARG F 47 3.74 -15.12 -13.12
N MET F 48 3.24 -15.26 -14.34
CA MET F 48 2.48 -16.44 -14.70
C MET F 48 3.27 -17.70 -14.41
N GLU F 49 4.58 -17.63 -14.62
CA GLU F 49 5.43 -18.78 -14.36
C GLU F 49 5.46 -19.04 -12.87
N ARG F 50 5.79 -17.98 -12.13
CA ARG F 50 5.84 -18.06 -10.68
C ARG F 50 4.54 -18.66 -10.19
N ASP F 51 3.43 -18.09 -10.64
CA ASP F 51 2.10 -18.57 -10.26
C ASP F 51 1.76 -19.90 -10.92
N GLY F 52 2.80 -20.56 -11.43
CA GLY F 52 2.62 -21.85 -12.08
C GLY F 52 1.53 -21.98 -13.11
N LEU F 53 1.40 -20.99 -14.00
CA LEU F 53 0.38 -21.07 -15.04
C LEU F 53 1.02 -21.50 -16.35
N VAL F 54 2.24 -21.06 -16.64
CA VAL F 54 2.94 -21.44 -17.88
C VAL F 54 4.45 -21.55 -17.67
N VAL F 55 5.06 -22.59 -18.25
CA VAL F 55 6.50 -22.80 -18.11
C VAL F 55 7.22 -22.34 -19.36
N VAL F 56 8.41 -21.77 -19.20
CA VAL F 56 9.17 -21.33 -20.36
C VAL F 56 10.19 -22.39 -20.73
N ALA F 57 9.81 -23.27 -21.64
CA ALA F 57 10.67 -24.36 -22.09
C ALA F 57 11.98 -23.83 -22.64
N SER F 58 12.97 -24.72 -22.74
CA SER F 58 14.28 -24.38 -23.24
C SER F 58 14.24 -23.67 -24.59
N ASP F 59 13.40 -24.17 -25.50
CA ASP F 59 13.28 -23.57 -26.82
C ASP F 59 12.72 -22.15 -26.69
N ARG F 60 12.63 -21.67 -25.44
CA ARG F 60 12.10 -20.35 -25.12
C ARG F 60 10.60 -20.29 -25.34
N SER F 61 10.02 -21.45 -25.66
CA SER F 61 8.59 -21.54 -25.92
C SER F 61 7.78 -21.53 -24.63
N LEU F 62 6.51 -21.16 -24.75
CA LEU F 62 5.62 -21.09 -23.61
C LEU F 62 4.86 -22.38 -23.44
N GLN F 63 5.05 -23.00 -22.29
CA GLN F 63 4.38 -24.25 -22.01
C GLN F 63 3.30 -24.09 -20.97
N MET F 64 2.05 -24.09 -21.43
CA MET F 64 0.92 -23.98 -20.54
C MET F 64 0.92 -25.20 -19.62
N THR F 65 0.86 -24.95 -18.33
CA THR F 65 0.81 -26.05 -17.39
C THR F 65 -0.65 -26.49 -17.43
N PRO F 66 -0.96 -27.69 -16.93
CA PRO F 66 -2.35 -28.17 -16.93
C PRO F 66 -3.33 -27.09 -16.47
N THR F 67 -2.96 -26.39 -15.39
CA THR F 67 -3.81 -25.33 -14.87
C THR F 67 -3.96 -24.27 -15.95
N GLY F 68 -2.83 -23.71 -16.37
CA GLY F 68 -2.84 -22.68 -17.39
C GLY F 68 -3.73 -23.11 -18.53
N ARG F 69 -3.55 -24.35 -18.97
CA ARG F 69 -4.36 -24.85 -20.08
C ARG F 69 -5.83 -24.74 -19.73
N THR F 70 -6.19 -25.29 -18.58
CA THR F 70 -7.58 -25.27 -18.13
C THR F 70 -8.18 -23.88 -18.21
N LEU F 71 -7.39 -22.88 -17.86
CA LEU F 71 -7.82 -21.49 -17.92
C LEU F 71 -8.03 -21.13 -19.38
N ALA F 72 -6.95 -21.23 -20.15
CA ALA F 72 -6.99 -20.91 -21.57
C ALA F 72 -8.26 -21.43 -22.25
N THR F 73 -8.64 -22.66 -21.91
CA THR F 73 -9.81 -23.26 -22.52
C THR F 73 -11.10 -22.61 -22.04
N ALA F 74 -11.13 -22.19 -20.77
CA ALA F 74 -12.32 -21.56 -20.23
C ALA F 74 -12.58 -20.23 -20.92
N VAL F 75 -11.57 -19.36 -20.91
CA VAL F 75 -11.69 -18.06 -21.57
C VAL F 75 -12.20 -18.27 -23.00
N MET F 76 -11.53 -19.17 -23.70
CA MET F 76 -11.88 -19.50 -25.10
C MET F 76 -13.36 -19.79 -25.20
N ARG F 77 -13.81 -20.67 -24.32
CA ARG F 77 -15.21 -21.08 -24.23
C ARG F 77 -16.08 -19.84 -24.12
N LYS F 78 -15.78 -19.03 -23.11
CA LYS F 78 -16.51 -17.80 -22.84
C LYS F 78 -16.44 -16.88 -24.04
N HIS F 79 -15.25 -16.75 -24.59
CA HIS F 79 -15.08 -15.89 -25.74
C HIS F 79 -16.05 -16.24 -26.85
N ARG F 80 -16.04 -17.52 -27.26
CA ARG F 80 -16.91 -17.99 -28.33
C ARG F 80 -18.36 -17.77 -27.95
N LEU F 81 -18.71 -18.19 -26.74
CA LEU F 81 -20.09 -18.06 -26.25
C LEU F 81 -20.58 -16.63 -26.27
N ALA F 82 -19.73 -15.70 -25.85
CA ALA F 82 -20.10 -14.30 -25.83
C ALA F 82 -20.33 -13.83 -27.27
N GLU F 83 -19.42 -14.19 -28.17
CA GLU F 83 -19.53 -13.79 -29.57
C GLU F 83 -20.89 -14.18 -30.15
N ARG F 84 -21.36 -15.38 -29.82
CA ARG F 84 -22.64 -15.86 -30.32
C ARG F 84 -23.78 -15.05 -29.75
N LEU F 85 -23.87 -15.04 -28.42
CA LEU F 85 -24.92 -14.29 -27.71
C LEU F 85 -25.08 -12.91 -28.31
N LEU F 86 -23.95 -12.24 -28.55
CA LEU F 86 -23.95 -10.91 -29.13
C LEU F 86 -24.57 -10.94 -30.52
N THR F 87 -23.97 -11.74 -31.40
CA THR F 87 -24.44 -11.88 -32.76
C THR F 87 -25.89 -12.38 -32.85
N ASP F 88 -26.12 -13.60 -32.40
CA ASP F 88 -27.44 -14.22 -32.43
C ASP F 88 -28.55 -13.42 -31.76
N ILE F 89 -28.49 -13.31 -30.45
CA ILE F 89 -29.50 -12.61 -29.66
C ILE F 89 -29.38 -11.09 -29.62
N ILE F 90 -28.30 -10.58 -29.04
CA ILE F 90 -28.10 -9.14 -28.94
C ILE F 90 -28.10 -8.52 -30.34
N GLY F 91 -27.86 -9.35 -31.34
CA GLY F 91 -27.84 -8.88 -32.72
C GLY F 91 -26.89 -7.74 -33.01
N LEU F 92 -25.78 -7.69 -32.28
CA LEU F 92 -24.80 -6.62 -32.48
C LEU F 92 -24.11 -6.73 -33.83
N ASP F 93 -23.58 -5.60 -34.32
CA ASP F 93 -22.88 -5.57 -35.60
C ASP F 93 -21.71 -6.55 -35.58
N ILE F 94 -21.79 -7.56 -36.45
CA ILE F 94 -20.79 -8.60 -36.56
C ILE F 94 -19.32 -8.14 -36.57
N ASN F 95 -19.08 -6.91 -36.99
CA ASN F 95 -17.71 -6.41 -37.05
C ASN F 95 -17.15 -6.01 -35.68
N LYS F 96 -18.04 -5.72 -34.74
CA LYS F 96 -17.63 -5.31 -33.40
C LYS F 96 -17.83 -6.41 -32.38
N VAL F 97 -18.33 -7.54 -32.84
CA VAL F 97 -18.58 -8.67 -31.96
C VAL F 97 -17.32 -9.21 -31.29
N HIS F 98 -16.21 -9.28 -32.01
CA HIS F 98 -14.99 -9.79 -31.41
C HIS F 98 -14.44 -8.92 -30.29
N ASP F 99 -14.38 -7.63 -30.53
CA ASP F 99 -13.84 -6.71 -29.53
C ASP F 99 -14.75 -6.55 -28.32
N GLU F 100 -15.98 -7.04 -28.42
CA GLU F 100 -16.89 -6.97 -27.29
C GLU F 100 -16.66 -8.25 -26.53
N ALA F 101 -16.68 -9.36 -27.27
CA ALA F 101 -16.44 -10.67 -26.69
C ALA F 101 -15.11 -10.59 -25.99
N ASP F 102 -14.13 -9.95 -26.63
CA ASP F 102 -12.79 -9.83 -26.06
C ASP F 102 -12.85 -9.30 -24.63
N ARG F 103 -13.93 -8.61 -24.26
CA ARG F 103 -14.05 -8.07 -22.93
C ARG F 103 -14.93 -8.93 -22.04
N TRP F 104 -16.06 -9.33 -22.56
CA TRP F 104 -16.98 -10.13 -21.78
C TRP F 104 -16.39 -11.46 -21.29
N GLU F 105 -15.36 -11.97 -21.97
CA GLU F 105 -14.78 -13.26 -21.59
C GLU F 105 -14.21 -13.28 -20.18
N HIS F 106 -13.62 -12.17 -19.79
CA HIS F 106 -13.00 -12.07 -18.47
C HIS F 106 -13.98 -11.76 -17.38
N VAL F 107 -15.15 -11.29 -17.78
CA VAL F 107 -16.19 -10.89 -16.84
C VAL F 107 -17.39 -11.86 -16.78
N MET F 108 -17.47 -12.80 -17.71
CA MET F 108 -18.59 -13.74 -17.70
C MET F 108 -18.30 -14.88 -16.71
N SER F 109 -19.33 -15.30 -15.98
CA SER F 109 -19.19 -16.36 -14.99
C SER F 109 -19.50 -17.72 -15.57
N ASP F 110 -19.15 -18.77 -14.84
CA ASP F 110 -19.40 -20.13 -15.28
C ASP F 110 -20.90 -20.42 -15.32
N GLU F 111 -21.61 -19.93 -14.31
CA GLU F 111 -23.05 -20.11 -14.25
C GLU F 111 -23.65 -19.64 -15.56
N VAL F 112 -23.29 -18.42 -15.97
CA VAL F 112 -23.77 -17.82 -17.21
C VAL F 112 -23.23 -18.63 -18.37
N GLU F 113 -22.02 -19.14 -18.19
CA GLU F 113 -21.36 -19.97 -19.20
C GLU F 113 -22.27 -21.15 -19.44
N ARG F 114 -22.37 -22.03 -18.44
CA ARG F 114 -23.19 -23.22 -18.53
C ARG F 114 -24.62 -22.94 -19.00
N ARG F 115 -25.13 -21.77 -18.63
CA ARG F 115 -26.49 -21.37 -19.00
C ARG F 115 -26.60 -21.06 -20.50
N LEU F 116 -25.69 -20.23 -20.98
CA LEU F 116 -25.66 -19.83 -22.39
C LEU F 116 -25.39 -21.05 -23.25
N VAL F 117 -24.73 -22.04 -22.67
CA VAL F 117 -24.40 -23.27 -23.39
C VAL F 117 -25.68 -23.85 -23.97
N LYS F 118 -26.77 -23.71 -23.22
CA LYS F 118 -28.09 -24.20 -23.62
C LYS F 118 -28.84 -23.10 -24.36
N VAL F 119 -29.30 -22.11 -23.60
CA VAL F 119 -30.04 -20.97 -24.16
C VAL F 119 -29.56 -20.61 -25.56
N LEU F 120 -28.27 -20.32 -25.69
CA LEU F 120 -27.70 -19.96 -26.97
C LEU F 120 -28.00 -21.04 -28.00
NI NI G . 28.69 3.80 9.64
NI NI H . 19.45 5.28 10.13
NI NI I . 13.41 9.69 33.27
NI NI J . 10.15 7.45 24.75
NI NI K . -28.66 -4.13 -9.48
NI NI L . -19.54 -3.06 -10.95
NI NI M . -13.33 -14.22 -31.69
NI NI N . -10.07 -10.21 -23.72
#